data_4E2K
#
_entry.id   4E2K
#
_cell.length_a   151.334
_cell.length_b   151.334
_cell.length_c   38.571
_cell.angle_alpha   90.00
_cell.angle_beta   90.00
_cell.angle_gamma   120.00
#
_symmetry.space_group_name_H-M   'P 61'
#
loop_
_entity.id
_entity.type
_entity.pdbx_description
1 polymer 'DNA primase'
2 non-polymer BENZAMIDINE
3 water water
#
_entity_poly.entity_id   1
_entity_poly.type   'polypeptide(L)'
_entity_poly.pdbx_seq_one_letter_code
;SNADDLQMIEMHELIQEFYYYALTKTVEGEQALTYLQERGFTDALIKERGIGFAPDSSHFCHDFLQKKGYDIELAYEAGL
LSRNEENFSYYDRFRNRIMFPLKNAQGRIVGYSGRTYTGQEPKYLNSPETPIFQKRKLLYNLDKARKSIRKLDEIVLLEG
FMDVIKSDTAGLKNVVATMGTQLSDEHITFIRKLTSNITLMFDGDFAGSEATLKTGQHLLQQGLNVFVIQLPSGMDPDEY
IGKYGNDAFTTFVKNDKKSFAHYKVSILKDEIAHNDLSYERYLKELSHDISLMKSSILQQKAINDVAPFFNVSPEQLANE
IQFNQAPAN
;
_entity_poly.pdbx_strand_id   A
#
loop_
_chem_comp.id
_chem_comp.type
_chem_comp.name
_chem_comp.formula
BEN non-polymer BENZAMIDINE 'C7 H8 N2'
#
# COMPACT_ATOMS: atom_id res chain seq x y z
N SER A 1 20.20 -18.57 5.74
CA SER A 1 20.79 -19.02 4.48
C SER A 1 19.76 -18.99 3.36
N ASN A 2 20.24 -18.97 2.12
CA ASN A 2 19.37 -19.01 0.96
C ASN A 2 18.52 -20.27 0.94
N ALA A 3 19.11 -21.37 1.39
CA ALA A 3 18.38 -22.65 1.45
C ALA A 3 17.19 -22.53 2.38
N ASP A 4 17.42 -21.92 3.55
CA ASP A 4 16.35 -21.74 4.51
C ASP A 4 15.30 -20.77 4.01
N ASP A 5 15.73 -19.65 3.41
CA ASP A 5 14.80 -18.69 2.84
C ASP A 5 13.84 -19.39 1.88
N LEU A 6 14.39 -20.29 1.08
CA LEU A 6 13.60 -21.00 0.09
C LEU A 6 12.57 -21.91 0.76
N GLN A 7 12.97 -22.53 1.87
CA GLN A 7 12.03 -23.39 2.61
CA GLN A 7 12.08 -23.38 2.65
C GLN A 7 10.92 -22.56 3.19
N MET A 8 11.24 -21.36 3.66
CA MET A 8 10.24 -20.45 4.22
C MET A 8 9.22 -20.06 3.15
N ILE A 9 9.70 -19.79 1.95
CA ILE A 9 8.82 -19.45 0.85
C ILE A 9 7.94 -20.64 0.48
N GLU A 10 8.53 -21.82 0.44
CA GLU A 10 7.79 -23.05 0.17
C GLU A 10 6.63 -23.21 1.15
N MET A 11 6.92 -23.03 2.44
CA MET A 11 5.91 -23.16 3.47
C MET A 11 4.71 -22.27 3.18
N HIS A 12 5.00 -21.00 2.89
CA HIS A 12 3.96 -20.02 2.58
C HIS A 12 3.14 -20.45 1.36
N GLU A 13 3.82 -20.85 0.31
CA GLU A 13 3.16 -21.15 -0.95
C GLU A 13 2.38 -22.47 -0.91
N LEU A 14 2.77 -23.37 -0.01
CA LEU A 14 2.05 -24.62 0.16
C LEU A 14 0.81 -24.42 1.05
N ILE A 15 0.98 -23.74 2.17
CA ILE A 15 -0.13 -23.50 3.08
C ILE A 15 -1.19 -22.64 2.40
N GLN A 16 -0.78 -21.85 1.42
CA GLN A 16 -1.71 -21.00 0.68
C GLN A 16 -2.80 -21.82 0.03
N GLU A 17 -2.41 -22.93 -0.58
CA GLU A 17 -3.35 -23.83 -1.23
C GLU A 17 -4.37 -24.33 -0.21
N PHE A 18 -3.90 -24.60 1.01
CA PHE A 18 -4.77 -25.08 2.07
C PHE A 18 -5.70 -23.97 2.55
N TYR A 19 -5.14 -22.78 2.75
CA TYR A 19 -5.95 -21.63 3.13
C TYR A 19 -7.03 -21.39 2.09
N TYR A 20 -6.65 -21.50 0.82
CA TYR A 20 -7.59 -21.26 -0.27
C TYR A 20 -8.72 -22.28 -0.27
N TYR A 21 -8.39 -23.55 -0.04
CA TYR A 21 -9.40 -24.60 0.02
C TYR A 21 -10.32 -24.38 1.21
N ALA A 22 -9.73 -24.05 2.35
CA ALA A 22 -10.49 -23.82 3.57
C ALA A 22 -11.57 -22.75 3.35
N LEU A 23 -11.20 -21.67 2.67
CA LEU A 23 -12.11 -20.56 2.45
C LEU A 23 -13.23 -20.91 1.49
N THR A 24 -12.88 -21.51 0.37
CA THR A 24 -13.81 -21.66 -0.75
C THR A 24 -14.62 -22.96 -0.71
N LYS A 25 -14.23 -23.92 0.12
CA LYS A 25 -14.88 -25.24 0.08
C LYS A 25 -15.39 -25.74 1.43
N THR A 26 -14.71 -25.41 2.51
CA THR A 26 -15.03 -26.03 3.80
C THR A 26 -16.13 -25.29 4.56
N VAL A 27 -16.74 -26.00 5.51
CA VAL A 27 -17.85 -25.46 6.30
C VAL A 27 -17.40 -24.29 7.18
N GLU A 28 -16.23 -24.43 7.81
CA GLU A 28 -15.76 -23.39 8.71
C GLU A 28 -15.42 -22.09 7.98
N GLY A 29 -15.14 -22.19 6.68
CA GLY A 29 -14.76 -21.03 5.90
C GLY A 29 -15.95 -20.30 5.28
N GLU A 30 -17.14 -20.87 5.43
CA GLU A 30 -18.34 -20.35 4.77
C GLU A 30 -18.65 -18.91 5.18
N GLN A 31 -18.57 -18.63 6.48
CA GLN A 31 -18.88 -17.29 6.98
C GLN A 31 -17.92 -16.27 6.39
N ALA A 32 -16.63 -16.56 6.45
CA ALA A 32 -15.62 -15.68 5.88
C ALA A 32 -15.84 -15.49 4.38
N LEU A 33 -16.21 -16.57 3.70
CA LEU A 33 -16.46 -16.51 2.26
C LEU A 33 -17.64 -15.60 1.92
N THR A 34 -18.74 -15.77 2.64
CA THR A 34 -19.93 -14.95 2.43
C THR A 34 -19.60 -13.48 2.70
N TYR A 35 -18.87 -13.26 3.78
CA TYR A 35 -18.43 -11.93 4.16
C TYR A 35 -17.76 -11.26 2.97
N LEU A 36 -16.74 -11.91 2.42
CA LEU A 36 -16.01 -11.39 1.28
C LEU A 36 -16.94 -11.12 0.09
N GLN A 37 -17.78 -12.09 -0.24
CA GLN A 37 -18.65 -11.98 -1.40
C GLN A 37 -19.60 -10.80 -1.27
N GLU A 38 -20.11 -10.57 -0.06
CA GLU A 38 -21.02 -9.46 0.19
C GLU A 38 -20.31 -8.12 0.07
N ARG A 39 -18.98 -8.14 0.09
CA ARG A 39 -18.19 -6.93 0.01
CA ARG A 39 -18.18 -6.96 0.01
C ARG A 39 -17.55 -6.79 -1.33
N GLY A 40 -18.07 -7.45 -2.37
CA GLY A 40 -17.65 -7.24 -3.74
C GLY A 40 -16.58 -8.19 -4.24
N PHE A 41 -16.08 -9.04 -3.35
CA PHE A 41 -15.07 -10.03 -3.75
C PHE A 41 -15.72 -11.18 -4.51
N THR A 42 -15.53 -11.19 -5.82
CA THR A 42 -16.05 -12.27 -6.65
C THR A 42 -15.19 -13.51 -6.51
N ASP A 43 -15.71 -14.65 -6.96
CA ASP A 43 -14.97 -15.90 -6.92
C ASP A 43 -13.72 -15.80 -7.78
N ALA A 44 -13.78 -15.00 -8.84
CA ALA A 44 -12.65 -14.81 -9.73
C ALA A 44 -11.54 -14.03 -9.04
N LEU A 45 -11.91 -12.96 -8.35
CA LEU A 45 -10.94 -12.13 -7.65
C LEU A 45 -10.28 -12.91 -6.53
N ILE A 46 -11.09 -13.65 -5.78
CA ILE A 46 -10.59 -14.48 -4.68
C ILE A 46 -9.56 -15.48 -5.20
N LYS A 47 -9.87 -16.13 -6.30
CA LYS A 47 -8.95 -17.08 -6.91
C LYS A 47 -7.72 -16.36 -7.44
N GLU A 48 -7.95 -15.28 -8.18
CA GLU A 48 -6.86 -14.49 -8.77
C GLU A 48 -5.80 -14.13 -7.73
N ARG A 49 -6.24 -13.57 -6.60
CA ARG A 49 -5.32 -13.20 -5.53
CA ARG A 49 -5.39 -13.19 -5.50
C ARG A 49 -5.15 -14.30 -4.61
N GLY A 50 -5.65 -15.52 -4.75
CA GLY A 50 -5.32 -16.60 -3.83
C GLY A 50 -5.72 -16.34 -2.40
N ILE A 51 -6.78 -15.57 -2.22
CA ILE A 51 -7.26 -15.26 -0.88
C ILE A 51 -7.82 -16.52 -0.21
N GLY A 52 -7.49 -16.72 1.06
CA GLY A 52 -7.89 -17.92 1.77
C GLY A 52 -8.42 -17.66 3.16
N PHE A 53 -8.56 -18.72 3.94
CA PHE A 53 -9.08 -18.61 5.30
C PHE A 53 -8.27 -19.49 6.24
N ALA A 54 -7.89 -18.93 7.39
CA ALA A 54 -7.17 -19.68 8.41
C ALA A 54 -8.12 -20.10 9.51
N PRO A 55 -8.39 -21.42 9.62
CA PRO A 55 -9.27 -21.96 10.66
C PRO A 55 -8.81 -21.53 12.05
N ASP A 56 -9.65 -21.76 13.07
CA ASP A 56 -9.37 -21.27 14.41
C ASP A 56 -8.80 -22.34 15.34
N SER A 57 -8.47 -23.50 14.80
CA SER A 57 -7.99 -24.60 15.63
C SER A 57 -6.66 -24.31 16.31
N SER A 58 -5.82 -23.51 15.69
CA SER A 58 -4.55 -23.08 16.29
C SER A 58 -3.43 -24.09 16.05
N HIS A 59 -3.73 -25.14 15.29
CA HIS A 59 -2.71 -26.10 14.91
C HIS A 59 -2.83 -26.51 13.44
N PHE A 60 -3.77 -25.89 12.74
CA PHE A 60 -4.02 -26.21 11.34
C PHE A 60 -2.74 -26.06 10.50
N CYS A 61 -2.10 -24.90 10.59
CA CYS A 61 -0.88 -24.64 9.85
C CYS A 61 0.28 -25.47 10.42
N HIS A 62 0.36 -25.51 11.75
CA HIS A 62 1.37 -26.29 12.43
C HIS A 62 1.40 -27.73 11.96
N ASP A 63 0.26 -28.41 12.05
CA ASP A 63 0.18 -29.82 11.70
C ASP A 63 0.46 -30.06 10.22
N PHE A 64 0.05 -29.12 9.38
CA PHE A 64 0.27 -29.26 7.94
C PHE A 64 1.76 -29.21 7.61
N LEU A 65 2.45 -28.22 8.17
CA LEU A 65 3.88 -28.06 7.92
C LEU A 65 4.67 -29.20 8.54
N GLN A 66 4.18 -29.69 9.68
CA GLN A 66 4.79 -30.84 10.34
C GLN A 66 4.66 -32.10 9.50
N LYS A 67 3.48 -32.30 8.93
CA LYS A 67 3.23 -33.47 8.08
C LYS A 67 4.10 -33.43 6.83
N LYS A 68 4.34 -32.22 6.34
CA LYS A 68 5.19 -32.05 5.14
CA LYS A 68 5.19 -32.01 5.17
C LYS A 68 6.64 -32.33 5.45
N GLY A 69 7.04 -32.22 6.71
CA GLY A 69 8.41 -32.50 7.11
C GLY A 69 9.25 -31.26 7.32
N TYR A 70 8.61 -30.11 7.47
CA TYR A 70 9.34 -28.86 7.72
C TYR A 70 9.71 -28.73 9.19
N ASP A 71 10.84 -28.09 9.45
CA ASP A 71 11.29 -27.84 10.82
C ASP A 71 10.38 -26.81 11.47
N ILE A 72 9.73 -27.19 12.56
CA ILE A 72 8.73 -26.36 13.22
C ILE A 72 9.33 -25.02 13.67
N GLU A 73 10.55 -25.05 14.16
CA GLU A 73 11.21 -23.82 14.61
C GLU A 73 11.46 -22.91 13.41
N LEU A 74 11.75 -23.51 12.27
CA LEU A 74 11.94 -22.75 11.04
C LEU A 74 10.63 -22.09 10.62
N ALA A 75 9.53 -22.81 10.80
CA ALA A 75 8.21 -22.27 10.49
C ALA A 75 7.91 -21.09 11.41
N TYR A 76 8.40 -21.18 12.64
CA TYR A 76 8.23 -20.10 13.59
C TYR A 76 9.01 -18.86 13.14
N GLU A 77 10.21 -19.07 12.63
CA GLU A 77 11.15 -18.12 12.14
CA GLU A 77 11.11 -18.09 12.05
C GLU A 77 10.61 -17.55 10.85
N ALA A 78 9.78 -18.31 10.14
CA ALA A 78 9.12 -17.83 8.94
C ALA A 78 7.86 -17.03 9.28
N GLY A 79 7.56 -16.92 10.56
CA GLY A 79 6.44 -16.11 11.02
C GLY A 79 5.08 -16.72 10.78
N LEU A 80 5.04 -18.02 10.53
CA LEU A 80 3.77 -18.72 10.33
C LEU A 80 3.25 -19.28 11.65
N LEU A 81 4.15 -19.51 12.60
CA LEU A 81 3.77 -20.05 13.89
C LEU A 81 4.21 -19.12 15.01
N SER A 82 3.53 -19.22 16.16
CA SER A 82 3.89 -18.47 17.34
C SER A 82 4.41 -19.45 18.38
N ARG A 83 5.02 -18.94 19.44
CA ARG A 83 5.58 -19.81 20.46
C ARG A 83 5.17 -19.41 21.87
N ASN A 84 4.82 -20.41 22.67
CA ASN A 84 4.44 -20.15 24.05
C ASN A 84 5.69 -20.14 24.91
N GLU A 85 5.96 -19.00 25.52
CA GLU A 85 7.14 -18.82 26.34
C GLU A 85 7.21 -19.86 27.47
N GLU A 86 6.10 -20.02 28.17
CA GLU A 86 6.04 -20.95 29.30
C GLU A 86 6.11 -22.40 28.83
N ASN A 87 5.19 -22.83 27.99
CA ASN A 87 5.24 -24.21 27.48
C ASN A 87 6.48 -24.51 26.63
N PHE A 88 6.80 -23.49 25.83
CA PHE A 88 7.80 -23.56 24.77
C PHE A 88 7.24 -24.27 23.55
N SER A 89 5.90 -24.40 23.48
CA SER A 89 5.27 -25.09 22.38
C SER A 89 4.84 -24.12 21.31
N TYR A 90 4.50 -24.66 20.14
CA TYR A 90 4.21 -23.83 18.98
C TYR A 90 2.76 -23.96 18.55
N TYR A 91 2.22 -22.89 17.99
CA TYR A 91 0.84 -22.89 17.50
C TYR A 91 0.69 -21.87 16.37
N ASP A 92 -0.43 -21.94 15.66
CA ASP A 92 -0.68 -21.05 14.53
C ASP A 92 -0.71 -19.59 14.96
N ARG A 93 0.02 -18.74 14.26
CA ARG A 93 0.01 -17.31 14.46
C ARG A 93 -1.35 -16.78 13.96
N PHE A 94 -1.76 -17.29 12.79
CA PHE A 94 -2.97 -16.81 12.13
C PHE A 94 -4.14 -17.75 12.41
N ARG A 95 -5.14 -17.23 13.11
CA ARG A 95 -6.33 -17.99 13.40
CA ARG A 95 -6.33 -18.00 13.44
C ARG A 95 -7.65 -17.30 13.14
N ASN A 96 -8.55 -17.97 12.44
CA ASN A 96 -9.87 -17.41 12.16
C ASN A 96 -9.78 -16.06 11.47
N ARG A 97 -8.94 -15.98 10.45
CA ARG A 97 -8.75 -14.74 9.71
C ARG A 97 -8.76 -14.99 8.21
N ILE A 98 -9.16 -13.98 7.45
CA ILE A 98 -9.08 -14.05 6.00
C ILE A 98 -7.63 -13.77 5.61
N MET A 99 -7.06 -14.66 4.81
CA MET A 99 -5.62 -14.64 4.54
C MET A 99 -5.29 -14.08 3.16
N PHE A 100 -4.65 -12.92 3.14
CA PHE A 100 -4.21 -12.30 1.90
C PHE A 100 -2.72 -12.55 1.71
N PRO A 101 -2.35 -13.30 0.67
CA PRO A 101 -0.94 -13.59 0.42
C PRO A 101 -0.13 -12.33 0.12
N LEU A 102 1.04 -12.21 0.75
CA LEU A 102 1.93 -11.08 0.50
C LEU A 102 3.13 -11.54 -0.33
N LYS A 103 3.12 -11.20 -1.61
CA LYS A 103 4.19 -11.60 -2.52
C LYS A 103 5.31 -10.58 -2.62
N ASN A 104 6.55 -11.06 -2.76
CA ASN A 104 7.69 -10.18 -2.89
C ASN A 104 7.82 -9.66 -4.32
N ALA A 105 8.87 -8.88 -4.57
CA ALA A 105 9.05 -8.24 -5.87
C ALA A 105 9.09 -9.26 -7.02
N GLN A 106 9.52 -10.48 -6.70
CA GLN A 106 9.59 -11.53 -7.74
CA GLN A 106 9.61 -11.56 -7.67
C GLN A 106 8.34 -12.38 -7.85
N GLY A 107 7.36 -12.15 -7.00
CA GLY A 107 6.08 -12.84 -7.10
C GLY A 107 5.95 -14.07 -6.21
N ARG A 108 6.92 -14.26 -5.31
CA ARG A 108 6.88 -15.37 -4.37
C ARG A 108 6.17 -14.92 -3.10
N ILE A 109 5.34 -15.79 -2.53
CA ILE A 109 4.64 -15.48 -1.29
C ILE A 109 5.62 -15.55 -0.13
N VAL A 110 5.78 -14.44 0.58
CA VAL A 110 6.75 -14.39 1.67
C VAL A 110 6.09 -14.05 3.00
N GLY A 111 4.80 -13.75 2.97
CA GLY A 111 4.06 -13.44 4.18
C GLY A 111 2.57 -13.42 3.96
N TYR A 112 1.83 -13.03 5.00
CA TYR A 112 0.39 -12.95 4.94
C TYR A 112 -0.13 -11.75 5.72
N SER A 113 -1.24 -11.20 5.27
CA SER A 113 -2.02 -10.30 6.09
C SER A 113 -3.34 -11.00 6.43
N GLY A 114 -3.57 -11.22 7.71
CA GLY A 114 -4.77 -11.90 8.17
C GLY A 114 -5.80 -10.92 8.69
N ARG A 115 -6.89 -10.76 7.95
CA ARG A 115 -7.92 -9.80 8.32
C ARG A 115 -9.06 -10.47 9.09
N THR A 116 -9.44 -9.87 10.20
CA THR A 116 -10.61 -10.33 10.95
C THR A 116 -11.86 -10.14 10.12
N TYR A 117 -12.88 -10.93 10.39
CA TYR A 117 -14.19 -10.72 9.79
C TYR A 117 -15.26 -10.77 10.88
N THR A 118 -14.81 -10.69 12.13
CA THR A 118 -15.71 -10.72 13.28
C THR A 118 -15.39 -9.57 14.24
N GLY A 119 -14.79 -8.51 13.69
CA GLY A 119 -14.52 -7.30 14.47
C GLY A 119 -13.52 -7.50 15.59
N GLN A 120 -12.60 -8.44 15.41
CA GLN A 120 -11.54 -8.66 16.40
C GLN A 120 -10.39 -7.70 16.13
N GLU A 121 -9.42 -7.65 17.05
CA GLU A 121 -8.26 -6.79 16.88
C GLU A 121 -6.98 -7.56 17.16
N PRO A 122 -5.91 -7.24 16.45
CA PRO A 122 -5.93 -6.19 15.41
C PRO A 122 -6.79 -6.58 14.21
N LYS A 123 -7.36 -5.58 13.56
CA LYS A 123 -8.17 -5.82 12.37
C LYS A 123 -7.33 -6.58 11.34
N TYR A 124 -6.10 -6.13 11.15
CA TYR A 124 -5.17 -6.78 10.24
C TYR A 124 -3.94 -7.27 10.99
N LEU A 125 -3.63 -8.55 10.83
CA LEU A 125 -2.45 -9.13 11.44
C LEU A 125 -1.49 -9.58 10.35
N ASN A 126 -0.35 -8.93 10.26
CA ASN A 126 0.65 -9.25 9.25
C ASN A 126 1.68 -10.22 9.79
N SER A 127 2.40 -10.88 8.89
CA SER A 127 3.57 -11.63 9.27
C SER A 127 4.52 -10.69 9.99
N PRO A 128 5.33 -11.22 10.91
CA PRO A 128 6.36 -10.40 11.56
C PRO A 128 7.56 -10.24 10.62
N GLU A 129 8.53 -9.43 11.01
CA GLU A 129 9.76 -9.32 10.23
C GLU A 129 10.46 -10.67 10.19
N THR A 130 10.73 -11.16 8.99
CA THR A 130 11.45 -12.42 8.82
C THR A 130 12.54 -12.25 7.77
N PRO A 131 13.37 -13.28 7.57
CA PRO A 131 14.42 -13.21 6.55
C PRO A 131 13.87 -12.96 5.14
N ILE A 132 12.60 -13.30 4.90
CA ILE A 132 12.03 -13.16 3.55
C ILE A 132 10.94 -12.09 3.48
N PHE A 133 10.43 -11.66 4.63
CA PHE A 133 9.44 -10.61 4.67
C PHE A 133 9.94 -9.42 5.49
N GLN A 134 10.17 -8.30 4.80
CA GLN A 134 10.63 -7.09 5.45
C GLN A 134 9.80 -5.91 4.97
N LYS A 135 9.06 -5.31 5.89
CA LYS A 135 8.10 -4.27 5.53
C LYS A 135 8.77 -3.05 4.89
N ARG A 136 10.01 -2.79 5.25
CA ARG A 136 10.72 -1.63 4.71
C ARG A 136 11.18 -1.87 3.27
N LYS A 137 11.00 -3.09 2.79
CA LYS A 137 11.38 -3.43 1.42
C LYS A 137 10.18 -3.81 0.55
N LEU A 138 9.26 -4.60 1.10
CA LEU A 138 8.15 -5.11 0.32
C LEU A 138 7.13 -4.02 -0.01
N LEU A 139 6.68 -4.01 -1.26
CA LEU A 139 5.60 -3.14 -1.70
C LEU A 139 4.51 -4.03 -2.26
N TYR A 140 3.34 -4.04 -1.60
CA TYR A 140 2.26 -4.91 -2.03
C TYR A 140 1.90 -4.64 -3.50
N ASN A 141 1.79 -5.72 -4.26
CA ASN A 141 1.34 -5.67 -5.65
C ASN A 141 2.43 -5.25 -6.64
N LEU A 142 3.64 -5.02 -6.17
CA LEU A 142 4.70 -4.52 -7.03
C LEU A 142 4.97 -5.42 -8.22
N ASP A 143 5.07 -6.73 -8.00
CA ASP A 143 5.39 -7.66 -9.09
C ASP A 143 4.33 -7.65 -10.18
N LYS A 144 3.07 -7.60 -9.75
CA LYS A 144 1.94 -7.50 -10.67
C LYS A 144 1.90 -6.16 -11.43
N ALA A 145 2.20 -5.08 -10.74
CA ALA A 145 2.15 -3.73 -11.31
C ALA A 145 3.41 -3.22 -12.02
N ARG A 146 4.53 -3.91 -11.89
CA ARG A 146 5.77 -3.45 -12.48
C ARG A 146 5.63 -3.06 -13.95
N LYS A 147 5.03 -3.95 -14.74
CA LYS A 147 4.90 -3.71 -16.18
C LYS A 147 4.15 -2.43 -16.48
N SER A 148 2.98 -2.27 -15.88
CA SER A 148 2.15 -1.09 -16.12
C SER A 148 2.84 0.18 -15.62
N ILE A 149 3.61 0.04 -14.54
CA ILE A 149 4.34 1.17 -13.99
C ILE A 149 5.34 1.71 -14.99
N ARG A 150 6.17 0.82 -15.54
CA ARG A 150 7.17 1.21 -16.52
CA ARG A 150 7.16 1.18 -16.53
C ARG A 150 6.51 1.70 -17.81
N LYS A 151 5.43 1.04 -18.21
CA LYS A 151 4.73 1.40 -19.43
C LYS A 151 4.14 2.81 -19.32
N LEU A 152 3.53 3.11 -18.19
CA LEU A 152 2.89 4.40 -17.98
C LEU A 152 3.85 5.42 -17.37
N ASP A 153 5.05 4.96 -17.02
CA ASP A 153 6.06 5.80 -16.41
C ASP A 153 5.47 6.53 -15.20
N GLU A 154 4.72 5.79 -14.38
CA GLU A 154 4.07 6.36 -13.21
C GLU A 154 3.72 5.26 -12.21
N ILE A 155 3.97 5.52 -10.93
CA ILE A 155 3.55 4.60 -9.88
C ILE A 155 2.59 5.32 -8.95
N VAL A 156 1.49 4.65 -8.61
CA VAL A 156 0.49 5.23 -7.71
C VAL A 156 0.55 4.56 -6.35
N LEU A 157 0.82 5.36 -5.31
CA LEU A 157 0.94 4.85 -3.96
C LEU A 157 -0.36 5.04 -3.19
N LEU A 158 -0.93 3.93 -2.70
CA LEU A 158 -2.13 3.98 -1.89
C LEU A 158 -1.79 3.76 -0.42
N GLU A 159 -2.78 3.89 0.44
CA GLU A 159 -2.55 3.82 1.89
C GLU A 159 -2.41 2.39 2.40
N GLY A 160 -3.18 1.48 1.82
CA GLY A 160 -3.13 0.08 2.23
C GLY A 160 -3.34 -0.91 1.10
N PHE A 161 -2.89 -2.14 1.31
CA PHE A 161 -3.03 -3.17 0.30
C PHE A 161 -4.47 -3.40 -0.13
N MET A 162 -5.41 -3.19 0.79
CA MET A 162 -6.82 -3.36 0.47
C MET A 162 -7.26 -2.37 -0.60
N ASP A 163 -6.76 -1.15 -0.50
CA ASP A 163 -7.06 -0.15 -1.49
C ASP A 163 -6.49 -0.60 -2.80
N VAL A 164 -5.31 -1.16 -2.76
CA VAL A 164 -4.66 -1.61 -3.98
C VAL A 164 -5.52 -2.65 -4.69
N ILE A 165 -6.01 -3.62 -3.93
CA ILE A 165 -6.84 -4.68 -4.49
C ILE A 165 -8.07 -4.10 -5.17
N LYS A 166 -8.80 -3.24 -4.46
CA LYS A 166 -10.01 -2.63 -5.00
C LYS A 166 -9.70 -1.85 -6.27
N SER A 167 -8.66 -1.02 -6.21
CA SER A 167 -8.28 -0.17 -7.34
C SER A 167 -7.83 -1.01 -8.53
N ASP A 168 -7.04 -2.04 -8.25
CA ASP A 168 -6.51 -2.91 -9.29
C ASP A 168 -7.63 -3.54 -10.11
N THR A 169 -8.67 -4.00 -9.43
CA THR A 169 -9.81 -4.63 -10.09
C THR A 169 -10.61 -3.61 -10.90
N ALA A 170 -10.65 -2.38 -10.40
CA ALA A 170 -11.42 -1.31 -11.05
C ALA A 170 -10.79 -0.91 -12.38
N GLY A 171 -9.50 -1.18 -12.54
CA GLY A 171 -8.81 -0.87 -13.78
C GLY A 171 -7.54 -0.05 -13.59
N LEU A 172 -7.25 0.28 -12.32
CA LEU A 172 -6.04 1.04 -12.00
C LEU A 172 -4.91 0.06 -11.66
N LYS A 173 -4.00 -0.14 -12.61
CA LYS A 173 -3.05 -1.23 -12.53
C LYS A 173 -1.69 -0.87 -11.91
N ASN A 174 -1.24 0.37 -12.10
CA ASN A 174 0.08 0.76 -11.61
C ASN A 174 0.05 1.23 -10.15
N VAL A 175 -0.57 0.44 -9.29
CA VAL A 175 -0.75 0.79 -7.88
C VAL A 175 -0.01 -0.16 -6.95
N VAL A 176 0.50 0.39 -5.85
CA VAL A 176 1.14 -0.39 -4.81
C VAL A 176 0.89 0.26 -3.45
N ALA A 177 1.35 -0.39 -2.38
CA ALA A 177 1.22 0.16 -1.04
C ALA A 177 2.19 -0.54 -0.11
N THR A 178 2.58 0.14 0.97
CA THR A 178 3.39 -0.49 2.00
C THR A 178 2.46 -1.28 2.90
N MET A 179 3.02 -2.12 3.74
CA MET A 179 2.23 -2.91 4.68
C MET A 179 2.04 -2.14 5.98
N GLY A 180 1.38 -1.00 5.89
CA GLY A 180 1.06 -0.20 7.06
C GLY A 180 2.25 0.53 7.65
N THR A 181 3.24 0.84 6.81
CA THR A 181 4.41 1.58 7.26
C THR A 181 4.65 2.80 6.40
N GLN A 182 5.53 3.69 6.88
CA GLN A 182 5.95 4.85 6.10
C GLN A 182 6.86 4.38 4.97
N LEU A 183 6.78 5.05 3.83
CA LEU A 183 7.60 4.67 2.71
C LEU A 183 9.03 4.83 3.20
N SER A 184 9.85 3.81 2.96
CA SER A 184 11.23 3.80 3.42
C SER A 184 12.18 4.29 2.33
N ASP A 185 13.43 4.54 2.71
CA ASP A 185 14.47 4.92 1.77
C ASP A 185 14.68 3.81 0.75
N GLU A 186 14.55 2.57 1.20
CA GLU A 186 14.70 1.42 0.31
C GLU A 186 13.57 1.38 -0.71
N HIS A 187 12.34 1.61 -0.25
CA HIS A 187 11.20 1.66 -1.14
C HIS A 187 11.45 2.70 -2.22
N ILE A 188 11.87 3.88 -1.80
CA ILE A 188 12.12 5.00 -2.69
C ILE A 188 13.23 4.68 -3.69
N THR A 189 14.27 4.00 -3.22
CA THR A 189 15.35 3.57 -4.09
C THR A 189 14.81 2.66 -5.18
N PHE A 190 14.01 1.67 -4.81
CA PHE A 190 13.39 0.76 -5.75
CA PHE A 190 13.45 0.79 -5.83
C PHE A 190 12.50 1.50 -6.79
N ILE A 191 11.65 2.36 -6.27
CA ILE A 191 10.71 3.08 -7.11
C ILE A 191 11.41 3.96 -8.15
N ARG A 192 12.45 4.66 -7.71
CA ARG A 192 13.21 5.55 -8.59
C ARG A 192 13.68 4.82 -9.84
N LYS A 193 13.99 3.54 -9.69
CA LYS A 193 14.51 2.73 -10.80
C LYS A 193 13.43 2.44 -11.83
N LEU A 194 12.17 2.46 -11.40
CA LEU A 194 11.05 2.15 -12.29
C LEU A 194 10.49 3.40 -12.95
N THR A 195 10.41 4.47 -12.18
CA THR A 195 9.85 5.71 -12.69
C THR A 195 10.27 6.90 -11.84
N SER A 196 10.09 8.10 -12.38
CA SER A 196 10.43 9.31 -11.67
C SER A 196 9.15 10.01 -11.24
N ASN A 197 8.02 9.46 -11.68
CA ASN A 197 6.71 10.02 -11.36
C ASN A 197 5.95 9.16 -10.36
N ILE A 198 5.61 9.75 -9.21
CA ILE A 198 4.87 9.05 -8.19
C ILE A 198 3.65 9.85 -7.76
N THR A 199 2.49 9.22 -7.82
CA THR A 199 1.23 9.86 -7.46
C THR A 199 0.69 9.30 -6.15
N LEU A 200 0.33 10.21 -5.24
CA LEU A 200 -0.20 9.81 -3.94
C LEU A 200 -1.73 9.88 -3.94
N MET A 201 -2.36 8.82 -3.44
CA MET A 201 -3.80 8.81 -3.27
C MET A 201 -4.14 8.18 -1.93
N PHE A 202 -3.94 8.94 -0.86
CA PHE A 202 -4.21 8.46 0.49
C PHE A 202 -5.64 8.77 0.90
N ASP A 203 -6.00 8.38 2.12
CA ASP A 203 -7.35 8.60 2.62
C ASP A 203 -7.71 10.08 2.55
N GLY A 204 -8.98 10.36 2.27
CA GLY A 204 -9.46 11.72 2.17
C GLY A 204 -9.88 12.29 3.51
N ASP A 205 -9.05 12.12 4.51
CA ASP A 205 -9.30 12.68 5.83
C ASP A 205 -8.10 13.50 6.28
N PHE A 206 -8.19 14.11 7.46
CA PHE A 206 -7.10 14.94 7.95
C PHE A 206 -5.82 14.13 8.09
N ALA A 207 -5.94 12.94 8.67
CA ALA A 207 -4.78 12.08 8.87
C ALA A 207 -4.11 11.77 7.54
N GLY A 208 -4.93 11.42 6.55
CA GLY A 208 -4.42 11.11 5.23
C GLY A 208 -3.73 12.31 4.60
N SER A 209 -4.29 13.48 4.83
CA SER A 209 -3.70 14.72 4.33
C SER A 209 -2.31 14.93 4.94
N GLU A 210 -2.19 14.72 6.22
CA GLU A 210 -0.93 14.88 6.86
C GLU A 210 0.10 13.86 6.39
N ALA A 211 -0.36 12.68 6.08
CA ALA A 211 0.52 11.66 5.51
C ALA A 211 0.95 12.06 4.10
N THR A 212 0.01 12.59 3.33
CA THR A 212 0.29 13.00 1.96
C THR A 212 1.38 14.08 1.95
N LEU A 213 1.24 15.06 2.84
CA LEU A 213 2.19 16.16 2.91
C LEU A 213 3.57 15.68 3.35
N LYS A 214 3.62 14.85 4.39
CA LYS A 214 4.87 14.31 4.89
C LYS A 214 5.60 13.39 3.91
N THR A 215 4.85 12.49 3.27
CA THR A 215 5.42 11.59 2.28
C THR A 215 5.81 12.37 1.03
N GLY A 216 4.86 13.14 0.51
CA GLY A 216 5.10 13.94 -0.68
C GLY A 216 6.31 14.85 -0.54
N GLN A 217 6.45 15.46 0.63
CA GLN A 217 7.55 16.39 0.87
C GLN A 217 8.89 15.67 0.76
N HIS A 218 8.98 14.48 1.35
CA HIS A 218 10.22 13.73 1.33
C HIS A 218 10.54 13.26 -0.09
N LEU A 219 9.53 12.77 -0.80
CA LEU A 219 9.71 12.32 -2.17
C LEU A 219 10.22 13.45 -3.05
N LEU A 220 9.63 14.63 -2.89
CA LEU A 220 10.05 15.81 -3.64
C LEU A 220 11.52 16.10 -3.38
N GLN A 221 11.90 16.09 -2.11
CA GLN A 221 13.28 16.37 -1.72
C GLN A 221 14.24 15.29 -2.22
N GLN A 222 13.70 14.10 -2.50
CA GLN A 222 14.52 13.01 -3.02
C GLN A 222 14.63 13.08 -4.54
N GLY A 223 14.05 14.12 -5.14
CA GLY A 223 14.23 14.39 -6.56
C GLY A 223 13.21 13.71 -7.45
N LEU A 224 12.07 13.35 -6.90
CA LEU A 224 11.01 12.72 -7.67
C LEU A 224 9.90 13.71 -8.03
N ASN A 225 9.18 13.43 -9.11
CA ASN A 225 8.06 14.25 -9.52
C ASN A 225 6.85 13.73 -8.77
N VAL A 226 6.31 14.55 -7.88
CA VAL A 226 5.22 14.11 -7.03
C VAL A 226 3.89 14.69 -7.47
N PHE A 227 2.87 13.85 -7.48
CA PHE A 227 1.51 14.25 -7.82
C PHE A 227 0.54 13.75 -6.76
N VAL A 228 -0.63 14.37 -6.69
CA VAL A 228 -1.60 14.01 -5.67
C VAL A 228 -3.02 13.91 -6.23
N ILE A 229 -3.70 12.83 -5.87
CA ILE A 229 -5.09 12.65 -6.25
C ILE A 229 -5.90 12.81 -4.98
N GLN A 230 -6.89 13.70 -5.02
CA GLN A 230 -7.67 14.02 -3.83
C GLN A 230 -9.12 13.58 -4.01
N LEU A 231 -9.52 12.56 -3.26
CA LEU A 231 -10.90 12.07 -3.31
C LEU A 231 -11.81 13.00 -2.53
N PRO A 232 -13.06 13.15 -2.99
CA PRO A 232 -14.05 14.05 -2.39
C PRO A 232 -14.09 13.95 -0.87
N MET A 235 -13.66 9.96 1.99
CA MET A 235 -13.85 9.03 0.89
C MET A 235 -12.62 8.17 0.65
N ASP A 236 -12.85 6.93 0.25
CA ASP A 236 -11.77 6.02 -0.13
C ASP A 236 -12.13 5.35 -1.45
N PRO A 237 -11.12 4.78 -2.13
CA PRO A 237 -11.36 4.12 -3.42
C PRO A 237 -12.55 3.17 -3.37
N ASP A 238 -12.64 2.37 -2.31
CA ASP A 238 -13.73 1.42 -2.14
C ASP A 238 -15.07 2.13 -2.18
N GLU A 239 -15.20 3.21 -1.42
CA GLU A 239 -16.46 3.94 -1.32
C GLU A 239 -16.78 4.63 -2.65
N TYR A 240 -15.76 5.17 -3.31
CA TYR A 240 -15.96 5.89 -4.56
C TYR A 240 -16.35 4.93 -5.68
N ILE A 241 -15.67 3.80 -5.75
CA ILE A 241 -15.93 2.82 -6.79
C ILE A 241 -17.35 2.26 -6.68
N GLY A 242 -17.76 1.94 -5.46
CA GLY A 242 -19.09 1.42 -5.26
C GLY A 242 -20.15 2.43 -5.63
N LYS A 243 -19.94 3.68 -5.20
CA LYS A 243 -20.88 4.75 -5.46
C LYS A 243 -21.05 5.14 -6.93
N TYR A 244 -19.94 5.22 -7.66
CA TYR A 244 -20.00 5.65 -9.06
C TYR A 244 -19.54 4.61 -10.10
N GLY A 245 -18.96 3.51 -9.64
CA GLY A 245 -18.51 2.46 -10.53
C GLY A 245 -17.04 2.58 -10.88
N ASN A 246 -16.53 1.61 -11.63
CA ASN A 246 -15.12 1.56 -11.98
C ASN A 246 -14.70 2.68 -12.93
N ASP A 247 -15.41 2.81 -14.05
CA ASP A 247 -15.07 3.81 -15.05
C ASP A 247 -15.04 5.21 -14.45
N ALA A 248 -16.05 5.53 -13.65
CA ALA A 248 -16.12 6.83 -12.98
C ALA A 248 -14.89 7.03 -12.10
N PHE A 249 -14.44 5.95 -11.47
CA PHE A 249 -13.28 6.00 -10.59
C PHE A 249 -12.01 6.27 -11.37
N THR A 250 -11.76 5.45 -12.39
CA THR A 250 -10.57 5.60 -13.22
C THR A 250 -10.57 6.92 -13.97
N THR A 251 -11.76 7.43 -14.28
CA THR A 251 -11.89 8.71 -14.96
C THR A 251 -11.56 9.86 -14.02
N PHE A 252 -12.01 9.74 -12.78
CA PHE A 252 -11.73 10.76 -11.78
C PHE A 252 -10.24 10.83 -11.49
N VAL A 253 -9.60 9.68 -11.47
CA VAL A 253 -8.16 9.59 -11.21
C VAL A 253 -7.37 10.23 -12.34
N LYS A 254 -7.79 9.99 -13.58
CA LYS A 254 -7.08 10.51 -14.74
C LYS A 254 -7.30 12.01 -14.89
N ASN A 255 -8.49 12.48 -14.53
CA ASN A 255 -8.85 13.88 -14.71
C ASN A 255 -8.12 14.80 -13.74
N ASP A 256 -8.25 14.54 -12.44
CA ASP A 256 -7.65 15.40 -11.42
C ASP A 256 -6.36 14.82 -10.85
N LYS A 257 -5.24 15.47 -11.18
CA LYS A 257 -3.94 15.05 -10.69
C LYS A 257 -3.04 16.27 -10.60
N LYS A 258 -2.76 16.71 -9.37
CA LYS A 258 -2.04 17.96 -9.15
C LYS A 258 -0.60 17.72 -8.71
N SER A 259 0.31 18.56 -9.21
CA SER A 259 1.67 18.58 -8.67
C SER A 259 1.59 18.82 -7.17
N PHE A 260 2.54 18.24 -6.43
CA PHE A 260 2.53 18.31 -4.98
C PHE A 260 2.38 19.76 -4.47
N ALA A 261 3.19 20.66 -5.04
CA ALA A 261 3.19 22.05 -4.61
C ALA A 261 1.79 22.67 -4.70
N HIS A 262 1.08 22.39 -5.78
CA HIS A 262 -0.25 22.93 -5.97
C HIS A 262 -1.22 22.34 -4.94
N TYR A 263 -1.12 21.04 -4.71
CA TYR A 263 -1.94 20.39 -3.70
C TYR A 263 -1.66 20.97 -2.32
N LYS A 264 -0.38 21.15 -2.01
CA LYS A 264 0.04 21.62 -0.69
C LYS A 264 -0.55 22.99 -0.36
N VAL A 265 -0.38 23.95 -1.27
CA VAL A 265 -0.84 25.31 -1.01
C VAL A 265 -2.37 25.35 -0.89
N SER A 266 -3.05 24.48 -1.63
CA SER A 266 -4.51 24.41 -1.56
C SER A 266 -4.98 23.97 -0.18
N ILE A 267 -4.19 23.10 0.46
CA ILE A 267 -4.51 22.65 1.81
C ILE A 267 -4.27 23.77 2.82
N LEU A 268 -3.24 24.57 2.56
CA LEU A 268 -2.85 25.65 3.47
C LEU A 268 -3.55 26.96 3.15
N LYS A 269 -4.48 26.91 2.19
CA LYS A 269 -5.11 28.12 1.66
C LYS A 269 -5.62 29.05 2.75
N ASP A 270 -6.51 28.54 3.59
CA ASP A 270 -7.19 29.36 4.59
C ASP A 270 -6.22 29.95 5.61
N GLU A 271 -5.33 29.12 6.13
CA GLU A 271 -4.36 29.59 7.10
C GLU A 271 -3.51 30.71 6.52
N ILE A 272 -3.13 30.58 5.26
CA ILE A 272 -2.33 31.59 4.57
C ILE A 272 -3.08 32.91 4.46
N ALA A 273 -4.40 32.83 4.28
CA ALA A 273 -5.21 34.01 4.02
C ALA A 273 -5.65 34.72 5.31
N HIS A 274 -5.44 34.08 6.45
CA HIS A 274 -5.88 34.64 7.73
C HIS A 274 -4.75 34.82 8.73
N ASN A 275 -3.59 34.26 8.43
CA ASN A 275 -2.43 34.33 9.33
C ASN A 275 -1.21 34.81 8.57
N ASP A 276 -0.82 36.06 8.82
CA ASP A 276 0.29 36.68 8.09
C ASP A 276 1.62 36.02 8.41
N LEU A 277 1.78 35.54 9.64
CA LEU A 277 2.98 34.81 10.02
C LEU A 277 3.08 33.55 9.17
N SER A 278 1.96 32.83 9.07
CA SER A 278 1.90 31.63 8.25
C SER A 278 2.07 32.00 6.79
N TYR A 279 1.44 33.09 6.38
CA TYR A 279 1.56 33.57 5.01
C TYR A 279 3.03 33.63 4.60
N GLU A 280 3.84 34.29 5.43
CA GLU A 280 5.26 34.44 5.15
C GLU A 280 5.99 33.10 5.16
N ARG A 281 5.75 32.29 6.19
CA ARG A 281 6.44 31.01 6.29
C ARG A 281 6.12 30.06 5.14
N TYR A 282 4.86 30.00 4.74
CA TYR A 282 4.46 29.12 3.66
C TYR A 282 4.89 29.63 2.29
N LEU A 283 5.05 30.94 2.16
CA LEU A 283 5.54 31.50 0.93
C LEU A 283 6.95 31.05 0.71
N LYS A 284 7.73 31.08 1.76
CA LYS A 284 9.09 30.60 1.71
C LYS A 284 9.14 29.08 1.48
N GLU A 285 8.25 28.35 2.13
CA GLU A 285 8.20 26.90 1.97
C GLU A 285 7.87 26.53 0.53
N LEU A 286 6.75 27.05 0.02
CA LEU A 286 6.34 26.75 -1.34
C LEU A 286 7.41 27.18 -2.33
N SER A 287 8.07 28.29 -2.04
CA SER A 287 9.17 28.76 -2.87
CA SER A 287 9.13 28.79 -2.96
C SER A 287 10.27 27.71 -2.92
N HIS A 288 10.63 27.19 -1.74
CA HIS A 288 11.63 26.14 -1.66
C HIS A 288 11.13 24.86 -2.34
N ASP A 289 9.87 24.51 -2.10
CA ASP A 289 9.29 23.32 -2.70
C ASP A 289 9.39 23.36 -4.22
N ILE A 290 9.01 24.48 -4.81
CA ILE A 290 9.00 24.62 -6.26
C ILE A 290 10.41 24.57 -6.82
N SER A 291 11.38 25.03 -6.03
CA SER A 291 12.77 25.02 -6.46
C SER A 291 13.33 23.60 -6.56
N LEU A 292 12.71 22.67 -5.84
CA LEU A 292 13.15 21.29 -5.83
C LEU A 292 12.68 20.52 -7.06
N MET A 293 11.66 21.05 -7.74
CA MET A 293 11.10 20.41 -8.91
C MET A 293 12.10 20.31 -10.05
N LYS A 294 12.39 19.09 -10.48
CA LYS A 294 13.35 18.84 -11.54
C LYS A 294 12.80 19.17 -12.92
N SER A 295 11.47 19.07 -13.06
CA SER A 295 10.83 19.36 -14.32
C SER A 295 10.59 20.84 -14.53
N SER A 296 11.33 21.41 -15.48
CA SER A 296 11.19 22.82 -15.82
C SER A 296 9.76 23.15 -16.20
N ILE A 297 9.13 22.26 -16.96
CA ILE A 297 7.76 22.48 -17.42
C ILE A 297 6.78 22.55 -16.25
N LEU A 298 6.84 21.55 -15.36
CA LEU A 298 5.92 21.49 -14.24
C LEU A 298 6.26 22.56 -13.21
N GLN A 299 7.54 22.88 -13.10
CA GLN A 299 7.99 23.94 -12.19
C GLN A 299 7.31 25.26 -12.55
N GLN A 300 7.32 25.59 -13.84
CA GLN A 300 6.71 26.81 -14.32
C GLN A 300 5.21 26.82 -14.08
N LYS A 301 4.55 25.68 -14.30
CA LYS A 301 3.11 25.61 -14.10
C LYS A 301 2.77 25.72 -12.62
N ALA A 302 3.62 25.14 -11.77
CA ALA A 302 3.43 25.21 -10.33
C ALA A 302 3.44 26.67 -9.88
N ILE A 303 4.39 27.45 -10.41
CA ILE A 303 4.48 28.86 -10.09
C ILE A 303 3.18 29.57 -10.41
N ASN A 304 2.66 29.34 -11.62
CA ASN A 304 1.41 29.95 -12.03
C ASN A 304 0.24 29.52 -11.16
N ASP A 305 0.26 28.27 -10.72
CA ASP A 305 -0.84 27.73 -9.93
C ASP A 305 -0.79 28.19 -8.47
N VAL A 306 0.41 28.37 -7.94
CA VAL A 306 0.58 28.70 -6.53
C VAL A 306 0.47 30.21 -6.26
N ALA A 307 1.01 31.02 -7.17
CA ALA A 307 1.08 32.47 -6.98
C ALA A 307 -0.23 33.10 -6.53
N PRO A 308 -1.35 32.72 -7.16
CA PRO A 308 -2.65 33.29 -6.79
C PRO A 308 -2.99 33.10 -5.31
N PHE A 309 -2.52 32.02 -4.70
CA PHE A 309 -2.84 31.72 -3.32
C PHE A 309 -2.20 32.71 -2.35
N PHE A 310 -1.13 33.37 -2.79
CA PHE A 310 -0.47 34.40 -1.98
C PHE A 310 -0.74 35.80 -2.52
N ASN A 311 -1.68 35.90 -3.45
CA ASN A 311 -2.02 37.18 -4.06
C ASN A 311 -0.78 37.91 -4.57
N VAL A 312 0.10 37.17 -5.24
CA VAL A 312 1.25 37.77 -5.91
C VAL A 312 1.28 37.28 -7.35
N SER A 313 2.08 37.91 -8.18
CA SER A 313 2.16 37.51 -9.57
C SER A 313 3.14 36.38 -9.79
N PRO A 314 2.92 35.59 -10.83
CA PRO A 314 3.84 34.50 -11.17
C PRO A 314 5.29 34.98 -11.24
N GLU A 315 5.48 36.21 -11.71
CA GLU A 315 6.81 36.78 -11.81
C GLU A 315 7.45 37.03 -10.45
N GLN A 316 6.66 37.58 -9.54
CA GLN A 316 7.15 37.85 -8.17
CA GLN A 316 7.10 37.86 -8.18
C GLN A 316 7.47 36.55 -7.48
N LEU A 317 6.66 35.50 -7.68
CA LEU A 317 6.94 34.20 -7.10
C LEU A 317 8.18 33.60 -7.73
N ALA A 318 8.31 33.74 -9.04
CA ALA A 318 9.49 33.25 -9.75
C ALA A 318 10.75 33.92 -9.19
N ASN A 319 10.67 35.22 -8.98
CA ASN A 319 11.80 35.97 -8.43
C ASN A 319 12.15 35.44 -7.05
N GLU A 320 11.13 35.22 -6.24
CA GLU A 320 11.32 34.72 -4.88
C GLU A 320 12.03 33.37 -4.90
N ILE A 321 11.84 32.63 -5.99
CA ILE A 321 12.48 31.33 -6.16
C ILE A 321 13.86 31.48 -6.78
C1 BEN B . -6.29 -29.06 -1.26
C2 BEN B . -5.28 -28.22 -1.72
C3 BEN B . -4.15 -28.02 -0.96
C4 BEN B . -4.00 -28.65 0.28
C5 BEN B . -5.01 -29.50 0.73
C6 BEN B . -6.15 -29.70 -0.03
C BEN B . -7.43 -29.25 -2.03
N1 BEN B . -7.67 -28.51 -3.10
N2 BEN B . -8.30 -30.20 -1.73
C1 BEN C . 10.72 9.33 4.88
C2 BEN C . 9.61 9.00 4.10
C3 BEN C . 8.46 9.75 4.18
C4 BEN C . 8.40 10.86 5.03
C5 BEN C . 9.51 11.19 5.81
C6 BEN C . 10.67 10.43 5.73
C BEN C . 11.89 8.57 4.80
N1 BEN C . 11.91 7.41 4.17
N2 BEN C . 13.01 8.98 5.36
#